data_8QUI
#
_entry.id   8QUI
#
_cell.length_a   91.805
_cell.length_b   91.805
_cell.length_c   57.590
_cell.angle_alpha   90.00
_cell.angle_beta   90.00
_cell.angle_gamma   120.00
#
_symmetry.space_group_name_H-M   'P 6'
#
loop_
_entity.id
_entity.type
_entity.pdbx_description
1 polymer 'Spacer peptide 1'
2 non-polymer 'ethyl (3-oxo-2,3-dihydro-4H-1,4-benzoxazin-4-yl)acetate'
3 water water
#
_entity_poly.entity_id   1
_entity_poly.type   'polypeptide(L)'
_entity_poly.pdbx_seq_one_letter_code
;PIVQNLQGQMVHQCISPRTLNAWVKVVEEKAFSPEVIPMFSALSCGATPQDLNTMLNTVGGHQAAMQMLKETINEEAAEW
DRLHPVHAGPIAPGQMREPRGSDIAGTTSTLQEQIGWMTHNPPIPVGEIYKRWIILGLNKIVRMYSPTSILDIRQGPKEP
FRDYVDRFYKTLRAEQASQEVKNAATETLLVQNANPDCKTILKALGPGATLEEMMTACQGVGGPGHKARVL
;
_entity_poly.pdbx_strand_id   A
#
loop_
_chem_comp.id
_chem_comp.type
_chem_comp.name
_chem_comp.formula
XXL non-polymer 'ethyl (3-oxo-2,3-dihydro-4H-1,4-benzoxazin-4-yl)acetate' 'C12 H13 N O4'
#
# COMPACT_ATOMS: atom_id res chain seq x y z
N PRO A 1 -7.63 -17.85 1.88
CA PRO A 1 -6.21 -17.76 2.44
C PRO A 1 -5.67 -19.12 2.86
N ILE A 2 -4.37 -19.18 3.16
CA ILE A 2 -3.78 -20.37 3.81
C ILE A 2 -3.57 -20.09 5.28
N VAL A 3 -4.08 -20.93 6.15
CA VAL A 3 -3.96 -20.78 7.62
C VAL A 3 -3.51 -22.11 8.23
N GLN A 4 -3.01 -21.98 9.45
CA GLN A 4 -2.75 -23.13 10.29
C GLN A 4 -4.04 -23.47 11.02
N ASN A 5 -4.36 -24.69 10.96
CA ASN A 5 -5.60 -25.16 11.62
C ASN A 5 -5.39 -25.09 13.22
N LEU A 6 -6.29 -25.69 13.97
CA LEU A 6 -6.17 -25.77 15.43
C LEU A 6 -5.07 -26.77 15.89
N GLN A 7 -4.66 -27.69 15.01
CA GLN A 7 -3.59 -28.70 15.20
C GLN A 7 -2.22 -28.40 14.50
N GLY A 8 -2.07 -27.21 13.91
CA GLY A 8 -0.78 -26.86 13.24
C GLY A 8 -0.34 -27.32 11.83
N GLN A 9 -1.23 -27.74 10.93
CA GLN A 9 -0.84 -27.96 9.49
C GLN A 9 -1.45 -26.80 8.60
N MET A 10 -0.76 -26.42 7.53
CA MET A 10 -1.16 -25.28 6.64
C MET A 10 -2.13 -25.71 5.57
N VAL A 11 -3.36 -25.16 5.66
CA VAL A 11 -4.44 -25.53 4.76
C VAL A 11 -5.22 -24.31 4.20
N HIS A 12 -5.94 -24.55 3.13
CA HIS A 12 -6.75 -23.51 2.46
C HIS A 12 -8.00 -23.31 3.26
N GLN A 13 -8.45 -22.05 3.38
CA GLN A 13 -9.72 -21.69 3.98
C GLN A 13 -10.39 -20.71 2.99
N CYS A 14 -11.72 -20.78 2.83
CA CYS A 14 -12.39 -19.84 1.98
C CYS A 14 -12.29 -18.41 2.53
N ILE A 15 -12.20 -17.41 1.64
CA ILE A 15 -12.30 -16.03 2.06
C ILE A 15 -13.70 -15.78 2.69
N SER A 16 -13.74 -15.03 3.78
CA SER A 16 -15.00 -14.84 4.55
C SER A 16 -15.86 -13.71 4.00
N PRO A 17 -17.20 -13.78 4.25
CA PRO A 17 -18.08 -12.69 3.94
C PRO A 17 -17.64 -11.41 4.68
N ARG A 18 -17.17 -11.52 5.91
CA ARG A 18 -16.78 -10.30 6.60
C ARG A 18 -15.57 -9.62 5.93
N THR A 19 -14.59 -10.38 5.51
CA THR A 19 -13.40 -9.84 4.76
C THR A 19 -13.83 -9.20 3.41
N LEU A 20 -14.68 -9.89 2.68
CA LEU A 20 -15.12 -9.38 1.37
C LEU A 20 -15.81 -8.02 1.48
N ASN A 21 -16.75 -7.91 2.46
CA ASN A 21 -17.49 -6.73 2.66
C ASN A 21 -16.62 -5.61 3.24
N ALA A 22 -15.72 -5.96 4.18
CA ALA A 22 -14.78 -4.92 4.73
C ALA A 22 -14.00 -4.18 3.59
N TRP A 23 -13.47 -4.94 2.68
CA TRP A 23 -12.66 -4.33 1.62
C TRP A 23 -13.51 -3.47 0.69
N VAL A 24 -14.65 -4.02 0.19
CA VAL A 24 -15.51 -3.23 -0.69
C VAL A 24 -15.94 -1.93 -0.02
N LYS A 25 -16.29 -1.97 1.25
CA LYS A 25 -16.72 -0.77 2.00
C LYS A 25 -15.61 0.25 2.23
N VAL A 26 -14.42 -0.20 2.53
CA VAL A 26 -13.31 0.78 2.69
C VAL A 26 -12.96 1.50 1.42
N VAL A 27 -13.06 0.84 0.25
CA VAL A 27 -12.88 1.52 -1.04
C VAL A 27 -14.03 2.46 -1.30
N GLU A 28 -15.26 2.10 -0.97
CA GLU A 28 -16.40 3.01 -1.15
C GLU A 28 -16.26 4.29 -0.29
N GLU A 29 -15.78 4.14 0.93
CA GLU A 29 -15.76 5.27 1.88
C GLU A 29 -14.52 6.15 1.72
N LYS A 30 -13.41 5.57 1.36
CA LYS A 30 -12.06 6.25 1.41
C LYS A 30 -11.34 6.40 0.08
N ALA A 31 -11.83 5.69 -0.95
CA ALA A 31 -11.16 5.69 -2.28
C ALA A 31 -9.71 5.41 -2.15
N PHE A 32 -8.80 6.29 -2.69
CA PHE A 32 -7.39 6.01 -2.58
C PHE A 32 -6.66 7.00 -1.63
N SER A 33 -7.30 7.33 -0.50
CA SER A 33 -6.60 7.94 0.61
C SER A 33 -5.48 6.99 1.06
N PRO A 34 -4.31 7.55 1.52
CA PRO A 34 -3.21 6.63 1.79
C PRO A 34 -3.42 5.46 2.81
N GLU A 35 -4.24 5.69 3.80
CA GLU A 35 -4.54 4.65 4.81
C GLU A 35 -5.30 3.46 4.26
N VAL A 36 -5.78 3.51 2.99
CA VAL A 36 -6.46 2.35 2.39
C VAL A 36 -5.44 1.26 2.16
N ILE A 37 -4.16 1.59 1.91
CA ILE A 37 -3.15 0.57 1.55
C ILE A 37 -2.76 -0.38 2.69
N PRO A 38 -2.43 0.13 3.89
CA PRO A 38 -2.27 -0.79 5.04
C PRO A 38 -3.52 -1.62 5.41
N MET A 39 -4.72 -1.07 5.15
CA MET A 39 -5.96 -1.82 5.32
C MET A 39 -6.06 -3.03 4.33
N PHE A 40 -5.70 -2.77 3.06
CA PHE A 40 -5.69 -3.84 2.05
C PHE A 40 -4.71 -4.90 2.52
N SER A 41 -3.49 -4.50 2.93
CA SER A 41 -2.51 -5.50 3.31
C SER A 41 -2.97 -6.39 4.44
N ALA A 42 -3.61 -5.78 5.44
CA ALA A 42 -4.09 -6.54 6.57
C ALA A 42 -5.27 -7.48 6.27
N LEU A 43 -6.19 -6.94 5.49
CA LEU A 43 -7.38 -7.72 5.07
C LEU A 43 -6.99 -8.93 4.17
N SER A 44 -5.88 -8.81 3.47
CA SER A 44 -5.31 -9.91 2.65
C SER A 44 -4.20 -10.77 3.33
N CYS A 45 -4.13 -10.76 4.66
CA CYS A 45 -3.28 -11.67 5.41
C CYS A 45 -3.50 -13.14 5.01
N GLY A 46 -2.43 -13.79 4.56
CA GLY A 46 -2.49 -15.22 4.18
C GLY A 46 -3.10 -15.48 2.79
N ALA A 47 -3.41 -14.41 2.05
CA ALA A 47 -4.09 -14.55 0.75
C ALA A 47 -3.32 -15.38 -0.28
N THR A 48 -4.05 -16.22 -1.02
CA THR A 48 -3.54 -16.76 -2.32
C THR A 48 -3.64 -15.70 -3.43
N PRO A 49 -2.99 -15.89 -4.57
CA PRO A 49 -3.25 -15.02 -5.71
C PRO A 49 -4.72 -14.97 -6.15
N GLN A 50 -5.42 -16.11 -6.12
CA GLN A 50 -6.87 -16.13 -6.32
C GLN A 50 -7.59 -15.15 -5.41
N ASP A 51 -7.28 -15.20 -4.13
CA ASP A 51 -7.94 -14.26 -3.20
C ASP A 51 -7.64 -12.78 -3.50
N LEU A 52 -6.37 -12.49 -3.84
CA LEU A 52 -6.01 -11.14 -4.19
C LEU A 52 -6.80 -10.62 -5.41
N ASN A 53 -6.97 -11.46 -6.46
CA ASN A 53 -7.79 -11.10 -7.63
C ASN A 53 -9.24 -10.91 -7.25
N THR A 54 -9.77 -11.77 -6.37
CA THR A 54 -11.16 -11.59 -5.88
C THR A 54 -11.35 -10.23 -5.25
N MET A 55 -10.41 -9.82 -4.37
CA MET A 55 -10.53 -8.54 -3.70
C MET A 55 -10.55 -7.36 -4.73
N LEU A 56 -9.62 -7.40 -5.68
CA LEU A 56 -9.53 -6.35 -6.67
C LEU A 56 -10.76 -6.35 -7.61
N ASN A 57 -11.24 -7.54 -8.06
CA ASN A 57 -12.36 -7.68 -8.97
C ASN A 57 -13.69 -7.31 -8.35
N THR A 58 -13.82 -7.40 -6.99
CA THR A 58 -15.08 -7.02 -6.34
C THR A 58 -15.30 -5.51 -6.25
N VAL A 59 -14.30 -4.69 -6.55
CA VAL A 59 -14.44 -3.27 -6.67
C VAL A 59 -15.21 -2.88 -7.94
N GLY A 60 -16.27 -2.14 -7.71
CA GLY A 60 -17.12 -1.68 -8.81
C GLY A 60 -16.73 -0.33 -9.46
N GLY A 61 -16.30 0.60 -8.72
CA GLY A 61 -15.90 1.90 -9.47
C GLY A 61 -14.42 1.92 -9.76
N HIS A 62 -13.90 3.12 -9.90
CA HIS A 62 -12.45 3.31 -9.98
C HIS A 62 -11.80 2.49 -11.02
N GLN A 63 -12.48 2.35 -12.22
CA GLN A 63 -11.91 1.49 -13.26
C GLN A 63 -10.68 2.07 -14.01
N ALA A 64 -10.48 3.42 -13.99
CA ALA A 64 -9.21 4.00 -14.50
C ALA A 64 -8.04 3.51 -13.59
N ALA A 65 -8.23 3.54 -12.27
CA ALA A 65 -7.22 3.05 -11.33
C ALA A 65 -7.01 1.57 -11.52
N MET A 66 -8.09 0.80 -11.69
CA MET A 66 -7.86 -0.68 -11.88
C MET A 66 -7.15 -1.01 -13.17
N GLN A 67 -7.35 -0.25 -14.26
CA GLN A 67 -6.57 -0.44 -15.46
C GLN A 67 -5.08 -0.05 -15.32
N MET A 68 -4.81 1.06 -14.62
CA MET A 68 -3.39 1.42 -14.29
C MET A 68 -2.73 0.30 -13.46
N LEU A 69 -3.44 -0.29 -12.51
CA LEU A 69 -2.89 -1.34 -11.65
C LEU A 69 -2.50 -2.59 -12.53
N LYS A 70 -3.36 -2.94 -13.48
CA LYS A 70 -3.07 -4.03 -14.41
C LYS A 70 -1.80 -3.82 -15.18
N GLU A 71 -1.60 -2.55 -15.56
CA GLU A 71 -0.39 -2.19 -16.29
C GLU A 71 0.89 -2.39 -15.41
N THR A 72 0.85 -1.96 -14.13
CA THR A 72 1.94 -2.21 -13.17
C THR A 72 2.17 -3.71 -13.00
N ILE A 73 1.11 -4.47 -12.77
CA ILE A 73 1.24 -5.91 -12.58
C ILE A 73 1.93 -6.55 -13.79
N ASN A 74 1.53 -6.16 -15.01
CA ASN A 74 2.17 -6.73 -16.21
C ASN A 74 3.69 -6.38 -16.28
N GLU A 75 4.07 -5.18 -15.87
CA GLU A 75 5.47 -4.76 -15.83
C GLU A 75 6.26 -5.62 -14.84
N GLU A 76 5.73 -5.88 -13.62
CA GLU A 76 6.43 -6.71 -12.62
C GLU A 76 6.50 -8.17 -13.07
N ALA A 77 5.44 -8.66 -13.72
CA ALA A 77 5.40 -10.03 -14.20
C ALA A 77 6.56 -10.21 -15.26
N ALA A 78 6.72 -9.20 -16.06
CA ALA A 78 7.71 -9.29 -17.17
C ALA A 78 9.12 -9.25 -16.63
N GLU A 79 9.39 -8.49 -15.56
CA GLU A 79 10.67 -8.52 -14.85
C GLU A 79 10.94 -9.84 -14.08
N TRP A 80 9.95 -10.37 -13.35
CA TRP A 80 10.04 -11.79 -12.88
C TRP A 80 10.47 -12.79 -14.06
N ASP A 81 9.86 -12.73 -15.20
CA ASP A 81 10.15 -13.70 -16.23
C ASP A 81 11.61 -13.52 -16.73
N ARG A 82 12.10 -12.29 -16.71
CA ARG A 82 13.52 -11.98 -17.11
C ARG A 82 14.52 -12.59 -16.13
N LEU A 83 14.22 -12.51 -14.83
CA LEU A 83 15.02 -13.04 -13.76
C LEU A 83 14.91 -14.55 -13.53
N HIS A 84 13.75 -15.13 -13.84
CA HIS A 84 13.42 -16.53 -13.54
C HIS A 84 12.68 -17.20 -14.69
N PRO A 85 13.40 -17.39 -15.79
CA PRO A 85 12.80 -18.19 -16.88
C PRO A 85 12.52 -19.68 -16.45
N VAL A 86 11.49 -20.28 -17.05
CA VAL A 86 11.00 -21.63 -16.73
C VAL A 86 11.29 -22.55 -17.93
N HIS A 87 11.49 -23.86 -17.70
CA HIS A 87 11.68 -24.87 -18.76
C HIS A 87 10.40 -25.04 -19.56
N ALA A 88 10.55 -25.06 -20.87
CA ALA A 88 9.45 -25.37 -21.76
C ALA A 88 9.43 -26.90 -21.84
N GLY A 89 8.32 -27.45 -22.30
CA GLY A 89 8.21 -28.90 -22.45
C GLY A 89 7.56 -29.50 -21.22
N PRO A 90 7.17 -30.80 -21.31
CA PRO A 90 6.20 -31.42 -20.41
C PRO A 90 6.64 -31.54 -18.90
N ILE A 91 5.65 -31.43 -18.04
CA ILE A 91 5.82 -31.52 -16.57
C ILE A 91 6.34 -32.94 -16.24
N ALA A 92 7.34 -33.04 -15.39
CA ALA A 92 7.60 -34.33 -14.69
C ALA A 92 6.37 -34.90 -13.97
N PRO A 93 5.92 -36.15 -14.32
CA PRO A 93 4.69 -36.71 -13.71
C PRO A 93 4.65 -36.69 -12.21
N GLY A 94 3.53 -36.11 -11.71
CA GLY A 94 3.28 -35.92 -10.29
C GLY A 94 4.07 -34.79 -9.61
N GLN A 95 4.94 -34.10 -10.33
CA GLN A 95 5.83 -33.11 -9.74
C GLN A 95 5.23 -31.68 -9.98
N MET A 96 5.81 -30.71 -9.33
CA MET A 96 5.39 -29.35 -9.52
C MET A 96 6.18 -28.62 -10.56
N ARG A 97 5.49 -27.74 -11.32
CA ARG A 97 6.13 -26.88 -12.39
C ARG A 97 6.51 -25.51 -11.74
N GLU A 98 7.52 -24.83 -12.24
CA GLU A 98 7.92 -23.54 -11.65
C GLU A 98 6.99 -22.42 -12.08
N PRO A 99 6.74 -21.43 -11.20
CA PRO A 99 5.81 -20.36 -11.62
C PRO A 99 6.42 -19.26 -12.52
N ARG A 100 5.67 -18.88 -13.54
CA ARG A 100 5.94 -17.72 -14.38
C ARG A 100 5.22 -16.49 -13.79
N GLY A 101 5.51 -15.30 -14.32
CA GLY A 101 4.86 -14.09 -13.82
C GLY A 101 3.35 -14.12 -13.80
N SER A 102 2.73 -14.66 -14.83
CA SER A 102 1.26 -14.72 -14.91
C SER A 102 0.67 -15.78 -13.96
N ASP A 103 1.49 -16.79 -13.61
CA ASP A 103 1.14 -17.79 -12.52
C ASP A 103 1.11 -17.10 -11.13
N ILE A 104 2.08 -16.25 -10.83
CA ILE A 104 2.13 -15.43 -9.62
C ILE A 104 0.91 -14.51 -9.53
N ALA A 105 0.57 -13.94 -10.66
CA ALA A 105 -0.60 -12.98 -10.70
C ALA A 105 -1.96 -13.71 -10.79
N GLY A 106 -1.97 -15.05 -10.81
CA GLY A 106 -3.17 -15.87 -10.73
C GLY A 106 -3.99 -16.01 -11.98
N THR A 107 -3.44 -15.60 -13.11
CA THR A 107 -4.19 -15.57 -14.36
C THR A 107 -4.02 -16.88 -15.20
N THR A 108 -2.88 -17.56 -15.02
CA THR A 108 -2.56 -18.81 -15.69
C THR A 108 -2.26 -19.96 -14.76
N SER A 109 -2.48 -19.78 -13.45
CA SER A 109 -2.30 -20.85 -12.47
C SER A 109 -3.64 -21.22 -11.83
N THR A 110 -3.80 -22.50 -11.48
CA THR A 110 -5.00 -22.95 -10.72
C THR A 110 -4.85 -22.73 -9.20
N LEU A 111 -5.99 -22.74 -8.51
CA LEU A 111 -5.93 -22.73 -7.05
C LEU A 111 -5.07 -23.85 -6.42
N GLN A 112 -5.21 -25.07 -6.95
CA GLN A 112 -4.39 -26.17 -6.50
C GLN A 112 -2.88 -25.94 -6.70
N GLU A 113 -2.50 -25.42 -7.85
CA GLU A 113 -1.09 -25.03 -8.04
C GLU A 113 -0.62 -24.00 -7.04
N GLN A 114 -1.45 -22.96 -6.77
CA GLN A 114 -1.06 -21.95 -5.87
C GLN A 114 -0.86 -22.54 -4.42
N ILE A 115 -1.75 -23.42 -4.01
CA ILE A 115 -1.65 -24.09 -2.70
C ILE A 115 -0.35 -24.93 -2.63
N GLY A 116 -0.10 -25.65 -3.70
CA GLY A 116 1.17 -26.46 -3.83
C GLY A 116 2.44 -25.67 -3.60
N TRP A 117 2.53 -24.49 -4.26
CA TRP A 117 3.63 -23.62 -4.06
C TRP A 117 3.75 -23.06 -2.63
N MET A 118 2.64 -22.48 -2.13
CA MET A 118 2.65 -21.81 -0.84
C MET A 118 2.91 -22.76 0.36
N THR A 119 2.61 -24.03 0.19
CA THR A 119 2.75 -25.09 1.22
C THR A 119 3.90 -26.07 0.96
N HIS A 120 4.64 -25.89 -0.14
CA HIS A 120 5.95 -26.57 -0.33
C HIS A 120 6.87 -26.33 0.86
N ASN A 121 7.81 -27.25 1.09
CA ASN A 121 8.89 -27.06 2.12
C ASN A 121 10.22 -26.88 1.40
N PRO A 122 10.80 -25.68 1.40
CA PRO A 122 10.21 -24.44 1.90
C PRO A 122 9.21 -23.79 0.89
N PRO A 123 8.35 -22.91 1.37
CA PRO A 123 7.34 -22.29 0.48
C PRO A 123 7.91 -21.45 -0.63
N ILE A 124 7.20 -21.45 -1.77
CA ILE A 124 7.44 -20.50 -2.83
C ILE A 124 6.27 -19.53 -2.63
N PRO A 125 6.53 -18.35 -2.05
CA PRO A 125 5.50 -17.54 -1.50
C PRO A 125 4.78 -16.65 -2.55
N VAL A 126 4.01 -17.31 -3.42
CA VAL A 126 3.42 -16.62 -4.60
C VAL A 126 2.41 -15.54 -4.19
N GLY A 127 1.68 -15.77 -3.07
CA GLY A 127 0.77 -14.77 -2.56
C GLY A 127 1.48 -13.50 -2.10
N GLU A 128 2.58 -13.67 -1.36
CA GLU A 128 3.34 -12.49 -0.90
C GLU A 128 4.06 -11.78 -2.05
N ILE A 129 4.58 -12.52 -3.01
CA ILE A 129 5.20 -11.85 -4.21
C ILE A 129 4.18 -11.00 -4.95
N TYR A 130 3.02 -11.60 -5.23
CA TYR A 130 1.96 -10.83 -5.93
C TYR A 130 1.49 -9.64 -5.12
N LYS A 131 1.29 -9.83 -3.81
CA LYS A 131 0.83 -8.70 -2.94
C LYS A 131 1.81 -7.49 -3.00
N ARG A 132 3.11 -7.82 -3.03
CA ARG A 132 4.13 -6.70 -3.18
CA ARG A 132 4.11 -6.74 -3.19
C ARG A 132 3.96 -5.90 -4.52
N TRP A 133 3.71 -6.61 -5.63
CA TRP A 133 3.48 -5.96 -6.91
C TRP A 133 2.22 -5.09 -6.81
N ILE A 134 1.14 -5.65 -6.22
CA ILE A 134 -0.10 -4.89 -6.11
C ILE A 134 0.07 -3.60 -5.30
N ILE A 135 0.73 -3.68 -4.17
CA ILE A 135 0.98 -2.54 -3.32
C ILE A 135 1.88 -1.47 -3.98
N LEU A 136 2.84 -1.93 -4.78
CA LEU A 136 3.63 -1.00 -5.65
C LEU A 136 2.73 -0.21 -6.56
N GLY A 137 1.77 -0.91 -7.20
CA GLY A 137 0.75 -0.29 -8.04
C GLY A 137 -0.21 0.67 -7.37
N LEU A 138 -0.69 0.22 -6.24
CA LEU A 138 -1.58 1.04 -5.40
C LEU A 138 -0.92 2.37 -4.91
N ASN A 139 0.37 2.30 -4.52
CA ASN A 139 1.06 3.52 -4.07
C ASN A 139 1.20 4.51 -5.23
N LYS A 140 1.36 4.05 -6.46
CA LYS A 140 1.37 4.97 -7.60
C LYS A 140 0.04 5.72 -7.78
N ILE A 141 -1.08 5.01 -7.62
CA ILE A 141 -2.42 5.51 -7.70
C ILE A 141 -2.64 6.54 -6.58
N VAL A 142 -2.28 6.19 -5.35
CA VAL A 142 -2.38 7.19 -4.21
C VAL A 142 -1.69 8.54 -4.59
N ARG A 143 -0.47 8.45 -5.13
CA ARG A 143 0.34 9.65 -5.49
C ARG A 143 -0.39 10.41 -6.63
N MET A 144 -0.87 9.68 -7.61
CA MET A 144 -1.59 10.31 -8.73
C MET A 144 -2.83 11.07 -8.27
N TYR A 145 -3.57 10.51 -7.29
CA TYR A 145 -4.85 11.04 -6.87
C TYR A 145 -4.75 12.08 -5.71
N SER A 146 -3.53 12.27 -5.24
CA SER A 146 -3.27 13.32 -4.20
C SER A 146 -3.63 14.65 -4.86
N PRO A 147 -4.54 15.42 -4.24
CA PRO A 147 -5.03 16.61 -4.93
C PRO A 147 -4.15 17.88 -4.80
N THR A 148 -3.25 17.90 -3.83
CA THR A 148 -2.60 19.24 -3.38
C THR A 148 -1.13 19.10 -3.14
N SER A 149 -0.34 20.06 -3.67
CA SER A 149 1.10 20.16 -3.37
C SER A 149 1.33 20.65 -1.93
N ILE A 150 2.38 20.15 -1.27
CA ILE A 150 2.78 20.65 0.06
C ILE A 150 3.08 22.18 0.00
N LEU A 151 3.49 22.70 -1.16
CA LEU A 151 3.73 24.16 -1.29
C LEU A 151 2.52 24.99 -1.02
N ASP A 152 1.31 24.39 -1.28
CA ASP A 152 0.08 25.10 -1.10
C ASP A 152 -0.64 24.88 0.22
N ILE A 153 -0.01 24.15 1.19
CA ILE A 153 -0.55 24.06 2.51
C ILE A 153 0.06 25.14 3.41
N ARG A 154 -0.71 26.20 3.65
CA ARG A 154 -0.29 27.35 4.51
C ARG A 154 -1.34 27.63 5.58
N GLN A 155 -0.85 27.94 6.77
CA GLN A 155 -1.77 28.20 7.97
C GLN A 155 -2.67 29.46 7.77
N GLY A 156 -3.95 29.30 7.92
CA GLY A 156 -4.90 30.44 7.88
C GLY A 156 -4.69 31.38 9.06
N PRO A 157 -5.24 32.61 8.92
CA PRO A 157 -4.93 33.64 9.94
C PRO A 157 -5.46 33.38 11.29
N LYS A 158 -6.57 32.64 11.38
CA LYS A 158 -7.19 32.22 12.66
C LYS A 158 -7.19 30.70 12.82
N GLU A 159 -6.37 30.02 11.99
CA GLU A 159 -6.41 28.56 11.99
C GLU A 159 -5.53 28.09 13.13
N PRO A 160 -6.07 27.22 14.00
CA PRO A 160 -5.25 26.61 15.11
C PRO A 160 -4.04 25.91 14.52
N PHE A 161 -2.87 26.12 15.08
CA PHE A 161 -1.62 25.47 14.56
C PHE A 161 -1.78 23.94 14.40
N ARG A 162 -2.46 23.29 15.36
CA ARG A 162 -2.68 21.84 15.25
C ARG A 162 -3.43 21.42 14.03
N ASP A 163 -4.46 22.19 13.64
CA ASP A 163 -5.23 21.87 12.44
C ASP A 163 -4.41 22.06 11.19
N TYR A 164 -3.53 23.08 11.19
CA TYR A 164 -2.60 23.33 10.05
C TYR A 164 -1.60 22.13 9.94
N VAL A 165 -1.01 21.78 11.07
CA VAL A 165 -0.07 20.63 11.06
C VAL A 165 -0.71 19.31 10.53
N ASP A 166 -1.95 19.06 10.99
CA ASP A 166 -2.70 17.88 10.47
C ASP A 166 -2.84 17.96 8.94
N ARG A 167 -3.16 19.14 8.36
CA ARG A 167 -3.29 19.29 6.91
C ARG A 167 -1.92 19.02 6.23
N PHE A 168 -0.89 19.57 6.83
CA PHE A 168 0.48 19.45 6.27
C PHE A 168 0.96 18.02 6.16
N TYR A 169 0.90 17.26 7.25
CA TYR A 169 1.37 15.89 7.23
C TYR A 169 0.42 14.94 6.50
N LYS A 170 -0.90 15.27 6.46
CA LYS A 170 -1.88 14.49 5.62
C LYS A 170 -1.42 14.58 4.12
N THR A 171 -1.05 15.80 3.74
CA THR A 171 -0.63 16.06 2.33
C THR A 171 0.72 15.37 2.03
N LEU A 172 1.71 15.51 2.91
CA LEU A 172 3.05 14.84 2.76
C LEU A 172 2.89 13.33 2.61
N ARG A 173 1.89 12.73 3.34
CA ARG A 173 1.72 11.33 3.28
C ARG A 173 1.19 10.91 1.85
N ALA A 174 0.22 11.66 1.32
CA ALA A 174 -0.40 11.35 0.01
C ALA A 174 0.60 11.60 -1.13
N GLU A 175 1.45 12.67 -0.97
CA GLU A 175 2.50 13.03 -1.95
C GLU A 175 3.71 12.05 -1.91
N GLN A 176 3.81 11.22 -0.90
CA GLN A 176 4.72 10.11 -0.69
C GLN A 176 6.09 10.58 -0.38
N ALA A 177 6.20 11.65 0.40
CA ALA A 177 7.53 12.08 0.95
C ALA A 177 8.13 10.92 1.75
N SER A 178 9.44 10.69 1.61
CA SER A 178 10.19 9.79 2.50
C SER A 178 10.14 10.24 3.97
N GLN A 179 10.29 9.30 4.90
CA GLN A 179 10.38 9.65 6.33
C GLN A 179 11.51 10.70 6.68
N GLU A 180 12.60 10.70 5.90
CA GLU A 180 13.70 11.67 6.06
C GLU A 180 13.22 13.11 5.82
N VAL A 181 12.49 13.26 4.72
CA VAL A 181 11.85 14.52 4.34
C VAL A 181 10.82 14.95 5.41
N LYS A 182 9.97 14.02 5.85
CA LYS A 182 9.00 14.30 6.95
C LYS A 182 9.62 14.79 8.26
N ASN A 183 10.67 14.08 8.70
CA ASN A 183 11.47 14.47 9.89
C ASN A 183 12.18 15.83 9.68
N ALA A 184 12.72 16.05 8.45
CA ALA A 184 13.39 17.33 8.07
C ALA A 184 12.47 18.55 7.88
N ALA A 185 11.19 18.37 7.45
CA ALA A 185 10.36 19.53 7.03
C ALA A 185 9.95 20.45 8.18
N THR A 186 10.29 20.00 9.36
CA THR A 186 9.87 20.53 10.64
C THR A 186 10.71 21.72 10.96
N GLU A 187 11.97 21.67 10.53
CA GLU A 187 12.87 22.80 10.66
C GLU A 187 12.80 23.74 9.45
N THR A 188 11.94 23.44 8.44
CA THR A 188 11.92 24.28 7.27
C THR A 188 10.58 24.74 6.75
N LEU A 189 9.98 23.90 5.87
CA LEU A 189 8.80 24.32 5.17
C LEU A 189 7.63 24.45 6.17
N LEU A 190 7.58 23.61 7.21
CA LEU A 190 6.50 23.77 8.22
C LEU A 190 6.50 25.16 8.85
N VAL A 191 7.69 25.76 9.12
CA VAL A 191 7.79 27.11 9.63
C VAL A 191 7.49 28.17 8.60
N GLN A 192 8.02 28.00 7.38
CA GLN A 192 7.80 28.96 6.33
C GLN A 192 6.37 29.15 5.98
N ASN A 193 5.60 28.03 6.06
CA ASN A 193 4.22 28.02 5.71
C ASN A 193 3.24 28.40 6.85
N ALA A 194 3.76 28.67 8.08
CA ALA A 194 3.00 29.10 9.20
C ALA A 194 2.50 30.56 9.06
N ASN A 195 1.50 30.92 9.81
CA ASN A 195 0.96 32.33 9.74
C ASN A 195 1.99 33.30 10.48
N PRO A 196 1.82 34.65 10.32
CA PRO A 196 2.90 35.56 10.84
C PRO A 196 3.21 35.44 12.33
N ASP A 197 2.18 35.40 13.15
CA ASP A 197 2.35 35.27 14.59
C ASP A 197 3.06 33.97 15.04
N CYS A 198 2.64 32.84 14.48
CA CYS A 198 3.26 31.60 14.84
CA CYS A 198 3.25 31.56 14.77
C CYS A 198 4.68 31.50 14.27
N LYS A 199 4.91 32.00 13.03
CA LYS A 199 6.22 32.01 12.38
C LYS A 199 7.23 32.75 13.30
N THR A 200 6.85 33.91 13.82
CA THR A 200 7.72 34.63 14.79
C THR A 200 8.12 33.82 16.02
N ILE A 201 7.17 33.15 16.65
CA ILE A 201 7.41 32.34 17.79
C ILE A 201 8.28 31.18 17.45
N LEU A 202 8.02 30.51 16.32
CA LEU A 202 8.85 29.36 15.90
C LEU A 202 10.29 29.81 15.55
N LYS A 203 10.43 30.94 14.89
CA LYS A 203 11.76 31.44 14.55
C LYS A 203 12.62 31.59 15.79
N ALA A 204 12.04 32.11 16.85
CA ALA A 204 12.77 32.31 18.12
C ALA A 204 13.04 31.05 18.96
N LEU A 205 12.43 29.93 18.64
CA LEU A 205 12.67 28.70 19.39
C LEU A 205 14.03 28.18 19.12
N GLY A 206 14.48 28.40 17.89
CA GLY A 206 15.78 28.00 17.44
C GLY A 206 15.76 26.71 16.66
N PRO A 207 16.96 26.19 16.39
CA PRO A 207 17.01 24.93 15.68
C PRO A 207 16.94 23.80 16.71
N GLY A 208 16.57 22.61 16.23
CA GLY A 208 16.50 21.40 17.02
C GLY A 208 15.22 21.16 17.75
N ALA A 209 14.24 22.05 17.56
CA ALA A 209 12.94 21.95 18.23
C ALA A 209 12.20 20.70 17.71
N THR A 210 11.63 19.93 18.61
CA THR A 210 10.84 18.76 18.27
C THR A 210 9.49 19.28 17.76
N LEU A 211 8.67 18.38 17.20
CA LEU A 211 7.30 18.78 16.74
C LEU A 211 6.46 19.10 17.90
N GLU A 212 6.59 18.34 19.00
CA GLU A 212 5.86 18.55 20.26
C GLU A 212 6.13 19.98 20.81
N GLU A 213 7.39 20.38 20.69
CA GLU A 213 7.88 21.68 21.21
C GLU A 213 7.27 22.84 20.37
N MET A 214 7.22 22.64 19.06
CA MET A 214 6.67 23.61 18.15
C MET A 214 5.16 23.71 18.38
N MET A 215 4.49 22.56 18.58
CA MET A 215 3.03 22.56 18.82
C MET A 215 2.66 23.22 20.13
N THR A 216 3.45 23.00 21.17
CA THR A 216 3.17 23.70 22.44
C THR A 216 3.42 25.21 22.33
N ALA A 217 4.48 25.60 21.62
CA ALA A 217 4.85 26.99 21.45
C ALA A 217 3.79 27.85 20.79
N CYS A 218 3.14 27.27 19.76
CA CYS A 218 2.03 27.94 18.99
C CYS A 218 0.60 27.57 19.50
N GLN A 219 0.53 26.85 20.56
CA GLN A 219 -0.79 26.60 21.26
C GLN A 219 -1.26 27.89 21.92
C XXL B . -3.45 -9.42 -13.97
N XXL B . -5.46 -9.17 -12.41
O XXL B . -4.01 -8.72 -14.77
CA XXL B . -4.10 -9.80 -12.64
CAA XXL B . -0.18 -10.56 -15.62
OAC XXL B . -6.53 -11.05 -12.88
CAD XXL B . -6.17 -5.02 -11.41
CAE XXL B . -4.88 -5.50 -11.73
CAF XXL B . -7.17 -5.93 -11.42
CAG XXL B . -4.62 -6.86 -12.04
CAH XXL B . -1.66 -9.97 -15.55
CAI XXL B . -7.93 -9.39 -12.40
OAK XXL B . -2.14 -9.90 -14.20
OAL XXL B . -8.06 -8.24 -11.66
CAN XXL B . -6.55 -9.90 -12.58
CAO XXL B . -6.90 -7.27 -11.72
CAP XXL B . -5.64 -7.77 -12.06
#